data_8E2N
#
_entry.id   8E2N
#
_cell.length_a   51.083
_cell.length_b   51.607
_cell.length_c   75.991
_cell.angle_alpha   90.000
_cell.angle_beta   90.000
_cell.angle_gamma   90.000
#
_symmetry.space_group_name_H-M   'P 21 21 21'
#
loop_
_entity.id
_entity.type
_entity.pdbx_description
1 polymer 'Nanobody VHH113'
2 water water
#
_entity_poly.entity_id   1
_entity_poly.type   'polypeptide(L)'
_entity_poly.pdbx_seq_one_letter_code
;MAEVQLVESGGGLVPAGGSLRLSCTTSERAFRSNAMGWFRQAPGKEREFVAAVSVLSWSGDSAVVADSVAGRFTIFRDNA
KNTVYLQMNSLKPEDTAVYYCNGASDIGALQSGASSWSWGHGTQVTVSSGQAGQ
;
_entity_poly.pdbx_strand_id   B,A
#
# COMPACT_ATOMS: atom_id res chain seq x y z
N MET A 1 25.16 -7.29 13.46
CA MET A 1 23.77 -7.04 13.82
C MET A 1 23.68 -6.30 15.14
N ALA A 2 22.69 -5.41 15.25
CA ALA A 2 22.49 -4.63 16.45
C ALA A 2 21.02 -4.67 16.83
N GLU A 3 20.75 -4.63 18.14
CA GLU A 3 19.38 -4.63 18.65
C GLU A 3 18.76 -3.26 18.41
N VAL A 4 17.78 -3.23 17.50
CA VAL A 4 16.99 -2.06 17.15
C VAL A 4 15.52 -2.42 17.37
N GLN A 5 14.74 -1.47 17.90
N GLN A 5 14.74 -1.47 17.89
CA GLN A 5 13.33 -1.71 18.15
CA GLN A 5 13.33 -1.71 18.17
C GLN A 5 12.62 -2.21 16.91
C GLN A 5 12.58 -2.19 16.93
N LEU A 6 11.88 -3.31 17.05
CA LEU A 6 11.07 -3.86 15.97
C LEU A 6 9.79 -4.41 16.56
N VAL A 7 8.65 -3.87 16.15
CA VAL A 7 7.34 -4.37 16.53
C VAL A 7 6.70 -4.91 15.27
N GLU A 8 6.36 -6.21 15.29
CA GLU A 8 5.83 -6.88 14.13
C GLU A 8 4.47 -7.47 14.46
N SER A 9 3.49 -7.27 13.58
CA SER A 9 2.16 -7.83 13.82
C SER A 9 1.41 -7.96 12.50
N GLY A 10 0.23 -8.55 12.58
CA GLY A 10 -0.68 -8.66 11.45
C GLY A 10 -0.88 -10.07 10.93
N GLY A 11 -0.07 -11.02 11.39
CA GLY A 11 -0.23 -12.39 10.96
C GLY A 11 -1.51 -13.01 11.46
N GLY A 12 -1.80 -14.17 10.89
CA GLY A 12 -3.01 -14.88 11.23
C GLY A 12 -3.18 -16.07 10.30
N LEU A 13 -4.34 -16.69 10.40
CA LEU A 13 -4.71 -17.83 9.58
C LEU A 13 -5.81 -17.37 8.63
N VAL A 14 -5.59 -17.52 7.33
CA VAL A 14 -6.62 -17.24 6.32
C VAL A 14 -6.57 -18.30 5.25
N PRO A 15 -7.71 -18.55 4.60
CA PRO A 15 -7.71 -19.46 3.45
C PRO A 15 -6.98 -18.83 2.27
N ALA A 16 -6.51 -19.71 1.38
CA ALA A 16 -6.01 -19.28 0.09
C ALA A 16 -7.01 -18.31 -0.55
N GLY A 17 -6.48 -17.23 -1.13
CA GLY A 17 -7.30 -16.20 -1.70
C GLY A 17 -7.68 -15.09 -0.75
N GLY A 18 -7.47 -15.27 0.55
CA GLY A 18 -7.70 -14.23 1.53
C GLY A 18 -6.55 -13.25 1.60
N SER A 19 -6.64 -12.34 2.55
CA SER A 19 -5.67 -11.26 2.66
C SER A 19 -5.37 -10.92 4.11
N LEU A 20 -4.17 -10.36 4.33
CA LEU A 20 -3.73 -9.86 5.62
C LEU A 20 -2.85 -8.65 5.35
N ARG A 21 -2.74 -7.75 6.34
CA ARG A 21 -1.79 -6.65 6.27
C ARG A 21 -0.84 -6.72 7.45
N LEU A 22 0.46 -6.82 7.17
CA LEU A 22 1.47 -6.87 8.21
C LEU A 22 1.98 -5.48 8.51
N SER A 23 2.42 -5.27 9.75
CA SER A 23 2.94 -4.00 10.21
C SER A 23 4.31 -4.22 10.87
N CYS A 24 5.28 -3.38 10.52
CA CYS A 24 6.58 -3.34 11.17
C CYS A 24 6.84 -1.90 11.58
N THR A 25 7.00 -1.68 12.89
CA THR A 25 7.29 -0.35 13.40
C THR A 25 8.64 -0.34 14.09
N THR A 26 9.43 0.70 13.83
CA THR A 26 10.73 0.87 14.47
C THR A 26 10.86 2.31 14.93
N SER A 27 12.00 2.62 15.53
CA SER A 27 12.25 3.96 16.03
C SER A 27 12.47 4.92 14.88
N GLU A 28 12.25 6.21 15.16
CA GLU A 28 12.09 7.18 14.07
C GLU A 28 13.35 7.36 13.24
N ARG A 29 14.51 7.44 13.88
CA ARG A 29 15.72 7.65 13.10
C ARG A 29 16.07 6.42 12.27
N ALA A 30 15.87 5.22 12.84
CA ALA A 30 16.10 4.00 12.07
C ALA A 30 15.17 3.91 10.88
N PHE A 31 13.90 4.26 11.08
CA PHE A 31 12.88 4.19 10.04
C PHE A 31 13.26 5.10 8.89
N ARG A 32 13.73 6.31 9.15
N ARG A 32 13.71 6.32 9.14
CA ARG A 32 13.93 7.32 8.10
CA ARG A 32 13.92 7.28 8.06
C ARG A 32 15.25 7.16 7.36
C ARG A 32 15.20 6.99 7.30
N SER A 33 16.26 6.56 7.98
CA SER A 33 17.60 6.55 7.42
C SER A 33 18.07 5.20 6.91
N ASN A 34 17.21 4.18 6.91
CA ASN A 34 17.57 2.87 6.41
C ASN A 34 16.52 2.40 5.41
N ALA A 35 16.95 1.56 4.49
CA ALA A 35 16.00 0.74 3.77
C ALA A 35 15.41 -0.27 4.74
N MET A 36 14.15 -0.61 4.56
CA MET A 36 13.49 -1.56 5.43
C MET A 36 12.75 -2.59 4.59
N GLY A 37 12.71 -3.81 5.09
CA GLY A 37 12.22 -4.90 4.29
C GLY A 37 11.53 -5.96 5.10
N TRP A 38 10.74 -6.74 4.39
CA TRP A 38 10.12 -7.93 4.94
C TRP A 38 10.79 -9.15 4.32
N PHE A 39 11.00 -10.15 5.18
CA PHE A 39 11.54 -11.47 4.82
C PHE A 39 10.56 -12.50 5.34
N ARG A 40 10.74 -13.76 4.92
CA ARG A 40 9.88 -14.79 5.46
C ARG A 40 10.64 -16.10 5.52
N GLN A 41 10.24 -16.96 6.46
CA GLN A 41 10.85 -18.28 6.59
C GLN A 41 9.75 -19.30 6.78
N ALA A 42 9.59 -20.16 5.78
CA ALA A 42 8.62 -21.25 5.83
C ALA A 42 9.23 -22.44 6.56
N PRO A 43 8.38 -23.31 7.11
CA PRO A 43 8.86 -24.58 7.68
C PRO A 43 9.79 -25.31 6.72
N GLY A 44 10.95 -25.73 7.22
CA GLY A 44 11.87 -26.50 6.41
C GLY A 44 12.61 -25.75 5.31
N LYS A 45 12.45 -24.43 5.22
CA LYS A 45 13.01 -23.66 4.12
C LYS A 45 13.90 -22.54 4.64
N GLU A 46 14.78 -22.06 3.76
CA GLU A 46 15.63 -20.92 4.08
C GLU A 46 14.84 -19.62 4.09
N ARG A 47 15.20 -18.75 5.03
CA ARG A 47 14.64 -17.40 5.09
C ARG A 47 14.95 -16.67 3.78
N GLU A 48 13.96 -15.91 3.28
CA GLU A 48 14.09 -15.30 1.96
C GLU A 48 13.49 -13.89 1.96
N PHE A 49 14.00 -13.07 1.04
CA PHE A 49 13.50 -11.73 0.84
C PHE A 49 12.07 -11.73 0.29
N VAL A 50 11.23 -10.82 0.79
CA VAL A 50 9.87 -10.65 0.30
C VAL A 50 9.66 -9.28 -0.37
N ALA A 51 10.05 -8.19 0.31
CA ALA A 51 9.77 -6.86 -0.21
C ALA A 51 10.60 -5.84 0.57
N ALA A 52 10.84 -4.68 -0.04
CA ALA A 52 11.60 -3.65 0.64
C ALA A 52 11.24 -2.27 0.13
N VAL A 53 11.48 -1.27 0.97
CA VAL A 53 11.44 0.13 0.61
C VAL A 53 12.84 0.71 0.83
N SER A 54 13.20 1.68 -0.01
CA SER A 54 14.54 2.25 0.00
C SER A 54 14.76 3.16 1.21
N VAL A 55 16.00 3.57 1.40
CA VAL A 55 16.26 4.70 2.28
C VAL A 55 15.41 5.88 1.81
N LEU A 56 14.88 6.65 2.76
CA LEU A 56 14.14 7.86 2.38
C LEU A 56 15.07 8.88 1.72
N SER A 57 14.67 9.35 0.54
CA SER A 57 15.31 10.48 -0.10
C SER A 57 14.71 11.75 0.51
N TRP A 58 15.00 12.90 -0.09
CA TRP A 58 14.52 14.16 0.47
C TRP A 58 13.00 14.19 0.56
N SER A 59 12.31 13.57 -0.39
CA SER A 59 10.85 13.65 -0.43
C SER A 59 10.26 12.43 -1.14
N GLY A 60 10.82 11.25 -0.90
CA GLY A 60 10.27 10.05 -1.51
C GLY A 60 11.09 8.82 -1.22
N ASP A 61 10.57 7.68 -1.67
CA ASP A 61 11.27 6.40 -1.57
C ASP A 61 10.93 5.60 -2.83
N SER A 62 11.39 4.34 -2.86
CA SER A 62 11.00 3.41 -3.91
C SER A 62 10.81 2.04 -3.27
N ALA A 63 10.17 1.14 -4.01
CA ALA A 63 9.76 -0.12 -3.46
C ALA A 63 10.06 -1.24 -4.45
N VAL A 64 10.41 -2.41 -3.91
CA VAL A 64 10.58 -3.61 -4.71
C VAL A 64 9.95 -4.78 -3.97
N VAL A 65 9.43 -5.74 -4.72
CA VAL A 65 8.90 -6.98 -4.15
C VAL A 65 9.49 -8.16 -4.92
N ALA A 66 9.50 -9.31 -4.24
CA ALA A 66 9.94 -10.55 -4.87
C ALA A 66 8.99 -10.92 -6.01
N ASP A 67 9.55 -11.52 -7.06
CA ASP A 67 8.74 -11.88 -8.23
C ASP A 67 7.54 -12.74 -7.85
N SER A 68 7.73 -13.67 -6.90
CA SER A 68 6.65 -14.59 -6.57
C SER A 68 5.46 -13.92 -5.89
N VAL A 69 5.62 -12.68 -5.43
CA VAL A 69 4.53 -11.95 -4.79
C VAL A 69 4.09 -10.74 -5.59
N ALA A 70 4.68 -10.51 -6.76
CA ALA A 70 4.33 -9.35 -7.57
C ALA A 70 2.85 -9.40 -7.95
N GLY A 71 2.19 -8.25 -7.85
CA GLY A 71 0.76 -8.16 -8.08
C GLY A 71 -0.09 -8.61 -6.91
N ARG A 72 0.49 -9.20 -5.88
CA ARG A 72 -0.24 -9.64 -4.71
C ARG A 72 0.12 -8.87 -3.46
N PHE A 73 1.40 -8.63 -3.23
CA PHE A 73 1.86 -7.91 -2.05
C PHE A 73 2.28 -6.50 -2.43
N THR A 74 1.90 -5.53 -1.60
CA THR A 74 2.32 -4.14 -1.76
C THR A 74 2.99 -3.70 -0.48
N ILE A 75 4.21 -3.16 -0.59
CA ILE A 75 4.94 -2.63 0.56
C ILE A 75 4.91 -1.11 0.51
N PHE A 76 4.73 -0.50 1.67
CA PHE A 76 4.68 0.96 1.73
C PHE A 76 4.96 1.45 3.15
N ARG A 77 5.51 2.65 3.25
CA ARG A 77 5.64 3.35 4.51
C ARG A 77 4.42 4.17 4.87
N ASP A 78 4.19 4.31 6.17
CA ASP A 78 3.34 5.39 6.68
C ASP A 78 4.33 6.24 7.46
N ASN A 79 4.79 7.33 6.84
CA ASN A 79 5.86 8.12 7.46
C ASN A 79 5.44 8.67 8.82
N ALA A 80 4.15 8.95 9.02
CA ALA A 80 3.68 9.51 10.27
C ALA A 80 3.78 8.52 11.42
N LYS A 81 3.77 7.22 11.13
CA LYS A 81 3.72 6.17 12.14
C LYS A 81 5.01 5.35 12.24
N ASN A 82 6.02 5.71 11.48
CA ASN A 82 7.29 4.96 11.49
C ASN A 82 7.05 3.48 11.22
N THR A 83 6.11 3.20 10.33
CA THR A 83 5.67 1.84 10.09
C THR A 83 5.82 1.49 8.63
N VAL A 84 6.31 0.26 8.38
CA VAL A 84 6.39 -0.32 7.05
C VAL A 84 5.35 -1.42 6.97
N TYR A 85 4.38 -1.24 6.08
N TYR A 85 4.37 -1.24 6.09
CA TYR A 85 3.25 -2.15 5.93
CA TYR A 85 3.27 -2.16 5.95
C TYR A 85 3.49 -3.08 4.75
C TYR A 85 3.49 -3.09 4.76
N LEU A 86 2.94 -4.30 4.87
CA LEU A 86 2.93 -5.26 3.77
C LEU A 86 1.47 -5.68 3.60
N GLN A 87 0.81 -5.11 2.59
CA GLN A 87 -0.54 -5.57 2.23
C GLN A 87 -0.40 -6.84 1.40
N MET A 88 -0.94 -7.94 1.92
CA MET A 88 -0.84 -9.25 1.26
C MET A 88 -2.23 -9.65 0.77
N ASN A 89 -2.52 -9.33 -0.49
CA ASN A 89 -3.76 -9.79 -1.10
C ASN A 89 -3.54 -11.13 -1.79
N SER A 90 -4.64 -11.86 -1.97
CA SER A 90 -4.63 -13.09 -2.75
C SER A 90 -3.55 -14.06 -2.29
N LEU A 91 -3.54 -14.31 -1.00
CA LEU A 91 -2.55 -15.21 -0.41
C LEU A 91 -2.65 -16.61 -0.99
N LYS A 92 -1.51 -17.29 -1.06
CA LYS A 92 -1.40 -18.65 -1.55
C LYS A 92 -0.83 -19.54 -0.46
N PRO A 93 -1.15 -20.85 -0.49
CA PRO A 93 -0.58 -21.77 0.52
C PRO A 93 0.93 -21.65 0.69
N GLU A 94 1.66 -21.48 -0.40
CA GLU A 94 3.11 -21.38 -0.30
C GLU A 94 3.59 -20.06 0.31
N ASP A 95 2.70 -19.14 0.65
CA ASP A 95 3.07 -17.95 1.40
C ASP A 95 3.13 -18.20 2.90
N THR A 96 2.76 -19.39 3.36
CA THR A 96 2.82 -19.72 4.78
C THR A 96 4.26 -19.63 5.28
N ALA A 97 4.47 -18.87 6.36
CA ALA A 97 5.80 -18.62 6.88
C ALA A 97 5.70 -17.71 8.10
N VAL A 98 6.79 -17.63 8.86
CA VAL A 98 6.97 -16.51 9.78
C VAL A 98 7.55 -15.36 8.98
N TYR A 99 6.92 -14.19 9.08
CA TYR A 99 7.37 -12.99 8.38
C TYR A 99 8.13 -12.10 9.35
N TYR A 100 9.27 -11.59 8.90
CA TYR A 100 10.18 -10.81 9.73
C TYR A 100 10.54 -9.53 9.03
N CYS A 101 10.62 -8.44 9.79
CA CYS A 101 11.06 -7.14 9.33
C CYS A 101 12.53 -6.92 9.68
N ASN A 102 13.24 -6.19 8.82
CA ASN A 102 14.62 -5.82 9.14
C ASN A 102 15.00 -4.59 8.32
N GLY A 103 16.23 -4.12 8.51
CA GLY A 103 16.71 -2.92 7.86
C GLY A 103 18.13 -3.10 7.36
N ALA A 104 18.52 -2.22 6.45
CA ALA A 104 19.88 -2.18 5.93
C ALA A 104 20.13 -0.80 5.35
N SER A 105 21.41 -0.46 5.19
CA SER A 105 21.77 0.87 4.74
C SER A 105 21.34 1.15 3.30
N ASP A 106 20.97 0.13 2.52
CA ASP A 106 20.42 0.37 1.20
C ASP A 106 19.55 -0.81 0.79
N ILE A 107 18.71 -0.56 -0.21
CA ILE A 107 17.68 -1.53 -0.57
C ILE A 107 18.28 -2.76 -1.25
N GLY A 108 19.39 -2.59 -1.98
CA GLY A 108 19.99 -3.73 -2.67
C GLY A 108 20.53 -4.78 -1.71
N ALA A 109 20.96 -4.37 -0.52
CA ALA A 109 21.40 -5.33 0.48
C ALA A 109 20.25 -6.21 0.94
N LEU A 110 19.10 -5.61 1.25
CA LEU A 110 17.94 -6.38 1.65
C LEU A 110 17.52 -7.35 0.56
N GLN A 111 17.52 -6.89 -0.70
CA GLN A 111 17.11 -7.73 -1.81
C GLN A 111 17.97 -8.98 -1.94
N SER A 112 19.23 -8.89 -1.54
CA SER A 112 20.13 -10.04 -1.61
C SER A 112 20.01 -10.96 -0.39
N GLY A 113 19.13 -10.63 0.55
CA GLY A 113 18.97 -11.41 1.76
C GLY A 113 19.71 -10.87 2.98
N ALA A 114 20.48 -9.80 2.82
CA ALA A 114 21.26 -9.24 3.92
C ALA A 114 20.43 -8.28 4.74
N SER A 115 20.86 -8.07 5.98
CA SER A 115 20.19 -7.14 6.89
C SER A 115 21.15 -6.81 8.02
N SER A 116 20.78 -5.81 8.81
CA SER A 116 21.70 -5.21 9.76
C SER A 116 21.27 -5.28 11.22
N TRP A 117 20.03 -5.64 11.50
CA TRP A 117 19.55 -5.60 12.87
C TRP A 117 19.25 -7.00 13.37
N SER A 118 19.26 -7.15 14.70
CA SER A 118 18.80 -8.38 15.32
C SER A 118 17.34 -8.62 14.96
N TRP A 119 17.00 -9.87 14.75
CA TRP A 119 15.65 -10.19 14.32
C TRP A 119 14.68 -10.09 15.49
N GLY A 120 13.47 -9.63 15.19
CA GLY A 120 12.39 -9.68 16.14
C GLY A 120 11.74 -11.05 16.16
N HIS A 121 10.66 -11.14 16.84
CA HIS A 121 10.01 -12.43 16.87
C HIS A 121 9.20 -12.80 15.62
N GLY A 122 8.98 -11.82 14.74
CA GLY A 122 8.24 -12.08 13.52
C GLY A 122 6.74 -12.18 13.78
N THR A 123 6.01 -12.46 12.71
CA THR A 123 4.56 -12.66 12.81
C THR A 123 4.19 -13.83 11.91
N GLN A 124 3.47 -14.80 12.49
CA GLN A 124 3.17 -16.05 11.80
C GLN A 124 1.99 -15.90 10.84
N VAL A 125 2.17 -16.36 9.61
CA VAL A 125 1.14 -16.33 8.57
C VAL A 125 0.91 -17.76 8.10
N THR A 126 -0.32 -18.24 8.24
CA THR A 126 -0.71 -19.56 7.74
C THR A 126 -1.81 -19.37 6.72
N VAL A 127 -1.57 -19.87 5.51
CA VAL A 127 -2.55 -19.83 4.43
C VAL A 127 -3.05 -21.25 4.20
N SER A 128 -4.30 -21.49 4.55
CA SER A 128 -4.86 -22.82 4.47
C SER A 128 -5.35 -23.13 3.06
N SER A 129 -5.81 -24.38 2.87
N SER A 129 -5.88 -24.33 2.85
CA SER A 129 -6.22 -24.87 1.56
CA SER A 129 -6.20 -24.81 1.51
C SER A 129 -7.42 -24.12 1.01
C SER A 129 -7.45 -24.12 0.97
N GLY A 130 -8.33 -23.68 1.88
CA GLY A 130 -9.57 -23.12 1.41
C GLY A 130 -10.59 -23.12 2.54
N GLN A 131 -11.82 -22.78 2.18
CA GLN A 131 -12.90 -22.72 3.15
C GLN A 131 -14.15 -23.41 2.59
N ALA A 132 -15.14 -23.57 3.46
CA ALA A 132 -16.40 -24.18 3.07
C ALA A 132 -17.07 -23.38 1.96
N GLY A 133 -17.81 -24.09 1.12
CA GLY A 133 -18.63 -23.47 0.09
C GLY A 133 -20.06 -23.39 0.58
N GLN A 134 -20.73 -22.29 0.24
CA GLN A 134 -22.06 -22.05 0.74
C GLN A 134 -23.06 -21.85 -0.39
N MET B 1 -21.96 7.37 -16.81
CA MET B 1 -22.04 7.60 -15.38
C MET B 1 -23.16 6.80 -14.74
N ALA B 2 -22.88 6.19 -13.59
CA ALA B 2 -23.88 5.42 -12.85
C ALA B 2 -23.61 5.58 -11.37
N GLU B 3 -24.69 5.63 -10.58
CA GLU B 3 -24.57 5.80 -9.13
C GLU B 3 -24.15 4.47 -8.50
N VAL B 4 -22.89 4.43 -8.01
CA VAL B 4 -22.30 3.26 -7.37
C VAL B 4 -21.80 3.71 -6.00
N GLN B 5 -21.91 2.83 -5.00
CA GLN B 5 -21.48 3.17 -3.64
C GLN B 5 -20.03 3.64 -3.63
N LEU B 6 -19.80 4.82 -3.06
CA LEU B 6 -18.45 5.34 -2.89
C LEU B 6 -18.40 6.07 -1.56
N VAL B 7 -17.60 5.56 -0.64
CA VAL B 7 -17.42 6.15 0.69
C VAL B 7 -15.98 6.61 0.76
N GLU B 8 -15.76 7.91 0.86
CA GLU B 8 -14.44 8.52 0.78
C GLU B 8 -14.11 9.20 2.10
N SER B 9 -12.88 9.01 2.57
CA SER B 9 -12.49 9.62 3.83
C SER B 9 -10.97 9.72 3.89
N GLY B 10 -10.49 10.46 4.89
CA GLY B 10 -9.08 10.48 5.22
C GLY B 10 -8.39 11.81 5.04
N GLY B 11 -9.06 12.81 4.47
CA GLY B 11 -8.44 14.09 4.24
C GLY B 11 -8.17 14.84 5.52
N GLY B 12 -7.41 15.92 5.37
CA GLY B 12 -7.04 16.74 6.50
C GLY B 12 -6.05 17.81 6.07
N LEU B 13 -5.48 18.47 7.07
CA LEU B 13 -4.48 19.51 6.86
C LEU B 13 -3.16 19.02 7.45
N VAL B 14 -2.10 19.02 6.63
CA VAL B 14 -0.77 18.72 7.14
C VAL B 14 0.23 19.67 6.51
N PRO B 15 1.34 19.93 7.21
CA PRO B 15 2.44 20.68 6.58
C PRO B 15 3.07 19.89 5.45
N ALA B 16 3.73 20.62 4.56
CA ALA B 16 4.62 19.99 3.58
C ALA B 16 5.52 18.98 4.28
N GLY B 17 5.69 17.82 3.66
CA GLY B 17 6.44 16.73 4.23
C GLY B 17 5.63 15.79 5.09
N GLY B 18 4.38 16.14 5.42
CA GLY B 18 3.53 15.28 6.20
C GLY B 18 2.90 14.16 5.38
N SER B 19 2.05 13.38 6.06
CA SER B 19 1.45 12.18 5.48
CA SER B 19 1.43 12.25 5.41
C SER B 19 -0.03 12.12 5.82
N LEU B 20 -0.80 11.48 4.94
CA LEU B 20 -2.20 11.16 5.15
C LEU B 20 -2.50 9.88 4.40
N ARG B 21 -3.55 9.17 4.80
CA ARG B 21 -3.99 7.99 4.08
C ARG B 21 -5.47 8.13 3.74
N LEU B 22 -5.80 8.12 2.46
CA LEU B 22 -7.18 8.20 2.01
C LEU B 22 -7.77 6.81 1.83
N SER B 23 -9.10 6.73 1.97
N SER B 23 -9.08 6.71 2.02
CA SER B 23 -9.83 5.49 1.92
CA SER B 23 -9.78 5.44 1.86
C SER B 23 -11.04 5.65 1.00
C SER B 23 -11.00 5.64 1.00
N CYS B 24 -11.27 4.64 0.14
CA CYS B 24 -12.44 4.61 -0.73
C CYS B 24 -13.04 3.22 -0.63
N THR B 25 -14.25 3.12 -0.08
CA THR B 25 -14.94 1.84 0.05
C THR B 25 -16.10 1.80 -0.93
N THR B 26 -16.24 0.69 -1.63
CA THR B 26 -17.36 0.49 -2.56
C THR B 26 -17.96 -0.88 -2.31
N SER B 27 -18.98 -1.22 -3.09
CA SER B 27 -19.66 -2.50 -2.97
C SER B 27 -18.81 -3.62 -3.56
N GLU B 28 -19.13 -4.86 -3.20
CA GLU B 28 -18.17 -5.93 -3.40
C GLU B 28 -17.92 -6.25 -4.87
N ARG B 29 -18.98 -6.28 -5.69
N ARG B 29 -18.95 -6.26 -5.72
CA ARG B 29 -18.77 -6.62 -7.09
CA ARG B 29 -18.78 -6.61 -7.12
C ARG B 29 -18.11 -5.48 -7.86
C ARG B 29 -18.12 -5.46 -7.90
N ALA B 30 -18.46 -4.24 -7.54
CA ALA B 30 -17.77 -3.10 -8.14
C ALA B 30 -16.28 -3.13 -7.80
N PHE B 31 -15.95 -3.47 -6.55
CA PHE B 31 -14.56 -3.44 -6.08
C PHE B 31 -13.71 -4.47 -6.82
N ARG B 32 -14.29 -5.64 -7.13
N ARG B 32 -14.25 -5.62 -7.21
CA ARG B 32 -13.54 -6.76 -7.66
CA ARG B 32 -13.44 -6.71 -7.72
C ARG B 32 -13.44 -6.76 -9.18
C ARG B 32 -13.37 -6.68 -9.24
N SER B 33 -14.45 -6.24 -9.87
CA SER B 33 -14.55 -6.40 -11.31
C SER B 33 -14.32 -5.12 -12.09
N ASN B 34 -13.96 -4.03 -11.42
CA ASN B 34 -13.60 -2.79 -12.09
C ASN B 34 -12.20 -2.35 -11.65
N ALA B 35 -11.56 -1.57 -12.52
CA ALA B 35 -10.42 -0.81 -12.07
C ALA B 35 -10.92 0.34 -11.22
N MET B 36 -10.13 0.72 -10.22
CA MET B 36 -10.52 1.79 -9.33
C MET B 36 -9.35 2.76 -9.15
N GLY B 37 -9.67 4.03 -8.99
CA GLY B 37 -8.63 5.03 -8.97
C GLY B 37 -8.99 6.23 -8.12
N TRP B 38 -7.95 6.98 -7.82
CA TRP B 38 -8.07 8.28 -7.16
C TRP B 38 -7.74 9.36 -8.17
N PHE B 39 -8.54 10.43 -8.12
CA PHE B 39 -8.39 11.65 -8.91
C PHE B 39 -8.30 12.81 -7.93
N ARG B 40 -7.87 13.97 -8.43
CA ARG B 40 -7.87 15.14 -7.56
C ARG B 40 -8.16 16.37 -8.38
N GLN B 41 -8.74 17.38 -7.71
CA GLN B 41 -9.05 18.65 -8.37
C GLN B 41 -8.60 19.76 -7.44
N ALA B 42 -7.56 20.47 -7.85
CA ALA B 42 -7.06 21.60 -7.10
C ALA B 42 -7.86 22.84 -7.45
N PRO B 43 -7.86 23.86 -6.59
CA PRO B 43 -8.52 25.12 -6.94
C PRO B 43 -8.04 25.63 -8.29
N GLY B 44 -9.01 26.01 -9.13
CA GLY B 44 -8.69 26.58 -10.43
C GLY B 44 -8.14 25.66 -11.48
N LYS B 45 -8.10 24.34 -11.24
CA LYS B 45 -7.44 23.39 -12.13
C LYS B 45 -8.39 22.26 -12.50
N GLU B 46 -8.06 21.60 -13.62
CA GLU B 46 -8.80 20.44 -14.08
C GLU B 46 -8.60 19.24 -13.16
N ARG B 47 -9.69 18.47 -12.99
CA ARG B 47 -9.63 17.21 -12.26
C ARG B 47 -8.72 16.25 -13.02
N GLU B 48 -7.82 15.59 -12.29
CA GLU B 48 -6.80 14.78 -12.92
C GLU B 48 -6.58 13.46 -12.21
N PHE B 49 -6.16 12.47 -12.99
CA PHE B 49 -5.77 11.17 -12.48
C PHE B 49 -4.60 11.29 -11.51
N VAL B 50 -4.68 10.53 -10.41
CA VAL B 50 -3.60 10.42 -9.42
C VAL B 50 -3.01 9.01 -9.39
N ALA B 51 -3.87 7.99 -9.28
CA ALA B 51 -3.40 6.62 -9.09
C ALA B 51 -4.56 5.67 -9.37
N ALA B 52 -4.24 4.45 -9.76
CA ALA B 52 -5.29 3.45 -10.00
C ALA B 52 -4.75 2.05 -9.77
N VAL B 53 -5.68 1.15 -9.46
CA VAL B 53 -5.47 -0.29 -9.46
C VAL B 53 -6.33 -0.89 -10.55
N SER B 54 -5.83 -1.96 -11.15
CA SER B 54 -6.49 -2.58 -12.29
C SER B 54 -7.70 -3.39 -11.86
N VAL B 55 -8.47 -3.85 -12.85
CA VAL B 55 -9.43 -4.92 -12.60
C VAL B 55 -8.67 -6.06 -11.94
N LEU B 56 -9.30 -6.71 -10.97
CA LEU B 56 -8.68 -7.88 -10.37
C LEU B 56 -8.51 -8.99 -11.40
N SER B 57 -7.30 -9.56 -11.45
CA SER B 57 -7.07 -10.80 -12.18
C SER B 57 -7.39 -11.96 -11.25
N TRP B 58 -7.07 -13.19 -11.67
CA TRP B 58 -7.43 -14.35 -10.87
C TRP B 58 -6.84 -14.28 -9.47
N SER B 59 -5.64 -13.71 -9.33
CA SER B 59 -4.95 -13.75 -8.04
C SER B 59 -4.02 -12.55 -7.87
N GLY B 60 -4.44 -11.37 -8.33
CA GLY B 60 -3.66 -10.17 -8.14
C GLY B 60 -4.17 -9.03 -8.98
N ASP B 61 -3.45 -7.91 -8.91
CA ASP B 61 -3.79 -6.71 -9.65
C ASP B 61 -2.49 -5.99 -10.02
N SER B 62 -2.64 -4.82 -10.65
CA SER B 62 -1.51 -3.95 -10.91
C SER B 62 -1.90 -2.52 -10.57
N ALA B 63 -0.88 -1.67 -10.38
CA ALA B 63 -1.08 -0.32 -9.91
C ALA B 63 -0.26 0.65 -10.74
N VAL B 64 -0.82 1.84 -10.94
CA VAL B 64 -0.14 2.94 -11.65
C VAL B 64 -0.38 4.22 -10.86
N VAL B 65 0.68 5.02 -10.70
CA VAL B 65 0.54 6.35 -10.10
C VAL B 65 1.06 7.40 -11.07
N ALA B 66 0.51 8.61 -10.96
CA ALA B 66 0.95 9.71 -11.80
C ALA B 66 2.40 10.06 -11.48
N ASP B 67 3.13 10.51 -12.52
N ASP B 67 3.12 10.52 -12.52
CA ASP B 67 4.57 10.82 -12.39
CA ASP B 67 4.55 10.78 -12.38
C ASP B 67 4.81 11.78 -11.23
C ASP B 67 4.84 11.80 -11.28
N SER B 68 3.95 12.77 -11.07
CA SER B 68 4.21 13.79 -10.06
C SER B 68 4.10 13.28 -8.63
N VAL B 69 3.49 12.11 -8.41
CA VAL B 69 3.37 11.56 -7.07
C VAL B 69 4.17 10.28 -6.89
N ALA B 70 4.91 9.86 -7.93
CA ALA B 70 5.70 8.64 -7.83
C ALA B 70 6.74 8.77 -6.74
N GLY B 71 6.92 7.69 -5.97
CA GLY B 71 7.81 7.72 -4.82
C GLY B 71 7.21 8.33 -3.58
N ARG B 72 6.03 8.92 -3.68
CA ARG B 72 5.35 9.57 -2.57
C ARG B 72 4.01 8.94 -2.23
N PHE B 73 3.19 8.62 -3.22
CA PHE B 73 1.88 8.03 -2.99
C PHE B 73 1.91 6.56 -3.42
N THR B 74 1.24 5.72 -2.62
CA THR B 74 1.08 4.30 -2.95
C THR B 74 -0.40 3.99 -2.88
N ILE B 75 -0.92 3.34 -3.93
CA ILE B 75 -2.31 2.91 -3.98
C ILE B 75 -2.36 1.40 -3.80
N PHE B 76 -3.33 0.93 -3.01
CA PHE B 76 -3.44 -0.51 -2.79
C PHE B 76 -4.87 -0.87 -2.41
N ARG B 77 -5.28 -2.07 -2.84
CA ARG B 77 -6.51 -2.66 -2.34
C ARG B 77 -6.30 -3.32 -0.99
N ASP B 78 -7.31 -3.24 -0.13
CA ASP B 78 -7.42 -4.16 1.00
C ASP B 78 -8.57 -5.08 0.60
N ASN B 79 -8.24 -6.26 0.08
CA ASN B 79 -9.29 -7.12 -0.49
C ASN B 79 -10.31 -7.54 0.55
N ALA B 80 -9.91 -7.61 1.83
CA ALA B 80 -10.83 -8.04 2.87
C ALA B 80 -11.89 -7.01 3.19
N LYS B 81 -11.68 -5.74 2.79
CA LYS B 81 -12.53 -4.64 3.21
C LYS B 81 -13.16 -3.89 2.05
N ASN B 82 -12.97 -4.36 0.81
CA ASN B 82 -13.55 -3.70 -0.36
C ASN B 82 -13.14 -2.23 -0.44
N THR B 83 -11.90 -1.95 -0.04
CA THR B 83 -11.43 -0.58 0.13
C THR B 83 -10.15 -0.38 -0.68
N VAL B 84 -10.08 0.75 -1.37
CA VAL B 84 -8.87 1.17 -2.08
C VAL B 84 -8.27 2.33 -1.31
N TYR B 85 -7.05 2.14 -0.82
CA TYR B 85 -6.35 3.12 -0.01
C TYR B 85 -5.33 3.89 -0.85
N LEU B 86 -5.14 5.15 -0.50
CA LEU B 86 -4.06 5.97 -1.06
C LEU B 86 -3.19 6.45 0.10
N GLN B 87 -2.02 5.84 0.27
CA GLN B 87 -1.07 6.33 1.27
C GLN B 87 -0.30 7.48 0.65
N MET B 88 -0.38 8.67 1.26
CA MET B 88 0.29 9.86 0.74
C MET B 88 1.39 10.27 1.71
N ASN B 89 2.64 9.99 1.35
CA ASN B 89 3.78 10.44 2.13
C ASN B 89 4.41 11.65 1.45
N SER B 90 5.20 12.39 2.22
CA SER B 90 6.00 13.49 1.69
C SER B 90 5.15 14.45 0.86
N LEU B 91 4.03 14.83 1.44
CA LEU B 91 3.10 15.73 0.76
C LEU B 91 3.75 17.07 0.43
N LYS B 92 3.32 17.65 -0.68
CA LYS B 92 3.82 18.93 -1.16
C LYS B 92 2.67 19.91 -1.29
N PRO B 93 2.92 21.21 -1.16
CA PRO B 93 1.84 22.20 -1.31
C PRO B 93 0.99 21.98 -2.55
N GLU B 94 1.61 21.61 -3.67
CA GLU B 94 0.85 21.43 -4.90
C GLU B 94 -0.01 20.18 -4.91
N ASP B 95 0.03 19.36 -3.86
CA ASP B 95 -0.90 18.25 -3.72
C ASP B 95 -2.24 18.69 -3.13
N THR B 96 -2.38 19.96 -2.74
CA THR B 96 -3.64 20.43 -2.17
C THR B 96 -4.75 20.31 -3.21
N ALA B 97 -5.86 19.68 -2.82
CA ALA B 97 -6.94 19.40 -3.75
C ALA B 97 -8.06 18.66 -3.02
N VAL B 98 -9.23 18.61 -3.65
CA VAL B 98 -10.23 17.60 -3.28
C VAL B 98 -9.87 16.33 -4.01
N TYR B 99 -9.74 15.22 -3.27
CA TYR B 99 -9.44 13.93 -3.85
C TYR B 99 -10.72 13.12 -3.97
N TYR B 100 -10.88 12.45 -5.11
CA TYR B 100 -12.10 11.72 -5.43
C TYR B 100 -11.76 10.32 -5.90
N CYS B 101 -12.55 9.34 -5.46
CA CYS B 101 -12.44 7.97 -5.93
C CYS B 101 -13.43 7.72 -7.05
N ASN B 102 -13.06 6.87 -8.00
CA ASN B 102 -13.98 6.46 -9.06
C ASN B 102 -13.52 5.12 -9.64
N GLY B 103 -14.26 4.64 -10.64
CA GLY B 103 -13.99 3.33 -11.21
C GLY B 103 -14.23 3.34 -12.70
N ALA B 104 -13.73 2.30 -13.36
CA ALA B 104 -13.92 2.15 -14.80
C ALA B 104 -13.72 0.69 -15.16
N SER B 105 -14.08 0.36 -16.40
CA SER B 105 -13.98 -1.02 -16.88
C SER B 105 -12.53 -1.48 -17.00
N ASP B 106 -11.58 -0.55 -17.12
CA ASP B 106 -10.18 -0.92 -17.23
C ASP B 106 -9.33 0.25 -16.74
N ILE B 107 -8.09 -0.08 -16.37
CA ILE B 107 -7.21 0.92 -15.78
C ILE B 107 -6.82 1.98 -16.81
N GLY B 108 -6.70 1.61 -18.08
CA GLY B 108 -6.35 2.60 -19.10
C GLY B 108 -7.36 3.72 -19.19
N ALA B 109 -8.64 3.42 -19.01
CA ALA B 109 -9.64 4.48 -18.97
C ALA B 109 -9.33 5.47 -17.86
N LEU B 110 -9.11 4.97 -16.64
CA LEU B 110 -8.81 5.85 -15.52
C LEU B 110 -7.57 6.70 -15.78
N GLN B 111 -6.52 6.09 -16.35
CA GLN B 111 -5.29 6.82 -16.60
C GLN B 111 -5.51 8.00 -17.52
N SER B 112 -6.46 7.88 -18.45
CA SER B 112 -6.80 8.96 -19.36
C SER B 112 -7.72 10.00 -18.74
N GLY B 113 -8.13 9.81 -17.49
CA GLY B 113 -9.03 10.73 -16.84
C GLY B 113 -10.49 10.35 -16.93
N ALA B 114 -10.82 9.27 -17.63
CA ALA B 114 -12.19 8.82 -17.77
C ALA B 114 -12.58 7.97 -16.57
N SER B 115 -13.87 7.97 -16.28
CA SER B 115 -14.41 7.13 -15.22
C SER B 115 -15.88 6.88 -15.53
N SER B 116 -16.48 5.99 -14.75
CA SER B 116 -17.80 5.46 -15.07
C SER B 116 -18.86 5.74 -14.03
N TRP B 117 -18.49 6.19 -12.84
CA TRP B 117 -19.44 6.30 -11.75
C TRP B 117 -19.70 7.75 -11.39
N SER B 118 -20.87 7.98 -10.80
N SER B 118 -20.87 7.99 -10.80
CA SER B 118 -21.18 9.29 -10.25
CA SER B 118 -21.18 9.30 -10.25
C SER B 118 -20.20 9.64 -9.13
C SER B 118 -20.19 9.64 -9.14
N TRP B 119 -19.82 10.90 -9.06
CA TRP B 119 -18.83 11.33 -8.08
C TRP B 119 -19.45 11.44 -6.69
N GLY B 120 -18.67 11.03 -5.69
CA GLY B 120 -18.97 11.36 -4.31
C GLY B 120 -18.51 12.77 -4.01
N HIS B 121 -18.59 13.13 -2.73
CA HIS B 121 -18.14 14.46 -2.34
C HIS B 121 -16.63 14.58 -2.26
N GLY B 122 -15.89 13.48 -2.35
CA GLY B 122 -14.45 13.53 -2.22
C GLY B 122 -14.03 13.80 -0.78
N THR B 123 -12.72 13.97 -0.62
CA THR B 123 -12.15 14.29 0.67
C THR B 123 -11.07 15.34 0.48
N GLN B 124 -11.09 16.37 1.32
CA GLN B 124 -10.24 17.55 1.13
C GLN B 124 -8.87 17.36 1.76
N VAL B 125 -7.82 17.66 0.98
CA VAL B 125 -6.44 17.57 1.43
C VAL B 125 -5.81 18.95 1.26
N THR B 126 -5.34 19.52 2.36
CA THR B 126 -4.63 20.78 2.33
C THR B 126 -3.22 20.58 2.87
N VAL B 127 -2.23 20.98 2.08
CA VAL B 127 -0.83 20.85 2.47
C VAL B 127 -0.30 22.26 2.69
N SER B 128 -0.15 22.63 3.96
CA SER B 128 0.25 23.98 4.31
C SER B 128 1.75 24.16 4.14
N SER B 129 2.21 25.40 4.30
CA SER B 129 3.59 25.77 4.16
C SER B 129 4.56 25.00 5.06
N GLY B 130 4.17 24.62 6.27
CA GLY B 130 5.13 24.14 7.24
C GLY B 130 4.60 24.34 8.62
N GLN B 131 5.43 24.00 9.60
CA GLN B 131 5.07 24.11 10.99
C GLN B 131 6.15 24.90 11.79
#